data_2L87
#
_entry.id   2L87
#
_entity_poly.entity_id   1
_entity_poly.type   'polypeptide(L)'
_entity_poly.pdbx_seq_one_letter_code
;MDYQVSSPI(TYS)DIN(TYS)YTSEPAQKINVKQ
;
_entity_poly.pdbx_strand_id   A
#
# COMPACT_ATOMS: atom_id res chain seq x y z
N SER A 7 -2.19 -15.62 4.85
CA SER A 7 -2.96 -15.46 3.63
C SER A 7 -3.23 -14.00 3.30
N PRO A 8 -3.55 -13.15 4.29
CA PRO A 8 -3.81 -11.73 4.07
C PRO A 8 -2.55 -10.93 3.89
N ILE A 9 -1.54 -11.60 3.39
CA ILE A 9 -0.25 -10.98 3.16
C ILE A 9 -0.30 -10.15 1.90
N ASP A 11 -2.61 -8.21 1.22
CA ASP A 11 -3.18 -6.93 1.62
C ASP A 11 -2.17 -6.09 2.40
N ILE A 12 -0.94 -6.58 2.52
CA ILE A 12 0.10 -5.86 3.26
C ILE A 12 0.82 -4.85 2.36
N ASN A 13 0.30 -4.64 1.15
CA ASN A 13 0.89 -3.69 0.22
C ASN A 13 0.34 -2.30 0.43
N TYR A 15 1.45 -0.18 1.98
CA TYR A 15 2.57 0.74 2.02
C TYR A 15 2.55 1.57 0.75
N THR A 16 2.00 0.96 -0.29
CA THR A 16 1.85 1.59 -1.58
C THR A 16 0.54 2.37 -1.64
N SER A 17 -0.45 1.85 -0.94
CA SER A 17 -1.77 2.48 -0.90
C SER A 17 -1.75 3.80 -0.13
N GLU A 18 -0.66 4.06 0.58
CA GLU A 18 -0.54 5.28 1.35
C GLU A 18 -0.04 6.43 0.46
N PRO A 19 1.14 6.26 -0.17
CA PRO A 19 1.72 7.30 -1.04
C PRO A 19 0.98 7.43 -2.38
N ALA A 20 -0.35 7.43 -2.32
CA ALA A 20 -1.16 7.56 -3.54
C ALA A 20 -0.77 8.81 -4.30
N GLN A 21 -0.33 9.82 -3.56
CA GLN A 21 0.09 11.09 -4.15
C GLN A 21 1.56 11.04 -4.53
N LYS A 22 2.36 10.33 -3.73
CA LYS A 22 3.78 10.20 -3.97
C LYS A 22 4.04 9.39 -5.23
N ILE A 23 3.26 8.33 -5.42
CA ILE A 23 3.41 7.47 -6.59
C ILE A 23 2.41 7.85 -7.68
N SER A 7 0.51 -15.05 2.09
CA SER A 7 -0.69 -14.75 1.33
C SER A 7 -1.33 -13.45 1.77
N PRO A 8 -1.48 -13.21 3.08
CA PRO A 8 -2.08 -11.99 3.59
C PRO A 8 -1.26 -10.74 3.23
N ILE A 9 -0.50 -10.86 2.16
CA ILE A 9 0.33 -9.78 1.67
C ILE A 9 -0.50 -8.75 0.93
N ASP A 11 -3.57 -7.43 2.07
CA ASP A 11 -4.04 -6.45 3.04
C ASP A 11 -2.87 -5.70 3.66
N ILE A 12 -1.64 -6.17 3.41
CA ILE A 12 -0.47 -5.51 3.96
C ILE A 12 0.04 -4.40 3.05
N ASN A 13 -0.68 -4.16 1.95
CA ASN A 13 -0.29 -3.13 1.01
C ASN A 13 -0.85 -1.77 1.40
N TYR A 15 0.31 0.16 3.07
CA TYR A 15 1.46 1.05 3.13
C TYR A 15 1.43 1.95 1.90
N THR A 16 0.83 1.42 0.85
CA THR A 16 0.68 2.10 -0.42
C THR A 16 -0.58 2.95 -0.41
N SER A 17 -1.58 2.48 0.31
CA SER A 17 -2.87 3.18 0.42
C SER A 17 -2.69 4.62 0.90
N GLU A 18 -1.55 4.89 1.54
CA GLU A 18 -1.28 6.23 2.02
C GLU A 18 -0.61 7.08 0.93
N PRO A 19 0.58 6.67 0.44
CA PRO A 19 1.30 7.39 -0.59
C PRO A 19 0.74 7.13 -1.98
N ALA A 20 -0.58 7.23 -2.13
CA ALA A 20 -1.24 7.00 -3.42
C ALA A 20 -0.55 7.76 -4.54
N GLN A 21 0.10 8.86 -4.17
CA GLN A 21 0.80 9.69 -5.14
C GLN A 21 2.23 9.19 -5.34
N LYS A 22 2.80 8.60 -4.29
CA LYS A 22 4.16 8.08 -4.34
C LYS A 22 4.30 7.02 -5.42
N ILE A 23 3.59 5.90 -5.23
CA ILE A 23 3.64 4.79 -6.19
C ILE A 23 2.48 4.88 -7.18
N SER A 7 0.59 -15.26 4.51
CA SER A 7 -0.71 -15.19 3.90
C SER A 7 -1.26 -13.77 3.81
N PRO A 8 -1.04 -12.92 4.83
CA PRO A 8 -1.54 -11.54 4.83
C PRO A 8 -0.66 -10.62 4.00
N ILE A 9 -0.02 -11.20 3.00
CA ILE A 9 0.85 -10.45 2.12
C ILE A 9 0.06 -9.83 0.97
N ASP A 11 -2.94 -8.15 1.56
CA ASP A 11 -3.49 -6.91 2.07
C ASP A 11 -2.38 -5.90 2.35
N ILE A 12 -1.14 -6.24 2.00
CA ILE A 12 -0.02 -5.34 2.23
C ILE A 12 0.18 -4.37 1.06
N ASN A 13 -0.79 -4.32 0.15
CA ASN A 13 -0.72 -3.44 -1.02
C ASN A 13 -1.16 -2.03 -0.67
N TYR A 15 0.36 -0.07 0.67
CA TYR A 15 1.55 0.73 0.51
C TYR A 15 1.32 1.71 -0.63
N THR A 16 0.50 1.26 -1.57
CA THR A 16 0.12 2.03 -2.73
C THR A 16 -1.11 2.88 -2.38
N SER A 17 -1.98 2.31 -1.56
CA SER A 17 -3.20 2.99 -1.14
C SER A 17 -2.94 4.43 -0.71
N GLU A 18 -2.82 4.65 0.60
CA GLU A 18 -2.58 5.98 1.13
C GLU A 18 -1.31 6.61 0.54
N PRO A 19 -0.19 5.88 0.54
CA PRO A 19 1.08 6.37 0.01
C PRO A 19 1.16 6.35 -1.52
N ALA A 20 0.03 6.55 -2.18
CA ALA A 20 0.00 6.55 -3.64
C ALA A 20 0.93 7.61 -4.19
N GLN A 21 1.07 8.70 -3.45
CA GLN A 21 1.94 9.79 -3.84
C GLN A 21 3.36 9.57 -3.32
N LYS A 22 3.47 8.77 -2.25
CA LYS A 22 4.78 8.46 -1.66
C LYS A 22 5.79 8.06 -2.72
N ILE A 23 5.36 7.21 -3.66
CA ILE A 23 6.22 6.74 -4.73
C ILE A 23 5.71 7.21 -6.09
N SER A 7 -0.31 -15.46 4.15
CA SER A 7 -1.30 -15.29 3.11
C SER A 7 -1.87 -13.89 3.07
N PRO A 8 -2.24 -13.30 4.23
CA PRO A 8 -2.79 -11.95 4.28
C PRO A 8 -1.80 -10.90 3.80
N ILE A 9 -0.87 -11.31 2.95
CA ILE A 9 0.11 -10.43 2.39
C ILE A 9 -0.47 -9.63 1.24
N ASP A 11 -3.53 -8.08 1.50
CA ASP A 11 -4.16 -6.92 2.11
C ASP A 11 -3.13 -6.05 2.81
N ILE A 12 -1.87 -6.49 2.83
CA ILE A 12 -0.82 -5.72 3.48
C ILE A 12 -0.19 -4.71 2.52
N ASN A 13 -0.81 -4.54 1.35
CA ASN A 13 -0.31 -3.60 0.36
C ASN A 13 -0.75 -2.19 0.68
N TYR A 15 0.46 -0.32 2.39
CA TYR A 15 1.68 0.46 2.53
C TYR A 15 1.77 1.37 1.30
N THR A 16 1.19 0.90 0.21
CA THR A 16 1.14 1.62 -1.04
C THR A 16 -0.07 2.54 -1.06
N SER A 17 -1.13 2.10 -0.39
CA SER A 17 -2.37 2.88 -0.33
C SER A 17 -2.20 4.14 0.51
N GLU A 18 -1.08 4.26 1.20
CA GLU A 18 -0.81 5.43 2.03
C GLU A 18 -0.17 6.54 1.19
N PRO A 19 0.99 6.26 0.57
CA PRO A 19 1.70 7.24 -0.26
C PRO A 19 1.01 7.49 -1.60
N ALA A 20 -0.31 7.66 -1.57
CA ALA A 20 -1.07 7.92 -2.79
C ALA A 20 -0.47 9.08 -3.59
N GLN A 21 0.20 9.97 -2.87
CA GLN A 21 0.83 11.13 -3.48
C GLN A 21 2.23 10.79 -3.96
N LYS A 22 2.90 9.92 -3.21
CA LYS A 22 4.26 9.50 -3.55
C LYS A 22 4.29 8.82 -4.92
N ILE A 23 3.68 7.64 -5.00
CA ILE A 23 3.64 6.89 -6.25
C ILE A 23 2.32 7.10 -6.97
N SER A 7 -2.74 -16.63 3.50
CA SER A 7 -1.76 -15.56 3.49
C SER A 7 -2.39 -14.19 3.27
N PRO A 8 -2.71 -13.49 4.37
CA PRO A 8 -3.29 -12.14 4.30
C PRO A 8 -2.22 -11.10 4.10
N ILE A 9 -1.06 -11.57 3.68
CA ILE A 9 0.08 -10.69 3.43
C ILE A 9 -0.13 -9.94 2.16
N ASP A 11 -2.67 -8.49 1.43
CA ASP A 11 -3.48 -7.33 1.78
C ASP A 11 -2.62 -6.22 2.37
N ILE A 12 -1.33 -6.50 2.59
CA ILE A 12 -0.42 -5.52 3.15
C ILE A 12 0.18 -4.60 2.09
N ASN A 13 -0.46 -4.54 0.93
CA ASN A 13 0.02 -3.69 -0.15
C ASN A 13 -0.51 -2.28 -0.01
N TYR A 15 0.31 -0.34 1.90
CA TYR A 15 1.45 0.49 2.24
C TYR A 15 1.72 1.45 1.08
N THR A 16 1.37 0.96 -0.11
CA THR A 16 1.51 1.73 -1.34
C THR A 16 0.26 2.57 -1.56
N SER A 17 -0.87 2.06 -1.08
CA SER A 17 -2.14 2.76 -1.22
C SER A 17 -2.22 4.00 -0.33
N GLU A 18 -1.23 4.17 0.55
CA GLU A 18 -1.21 5.34 1.42
C GLU A 18 -0.52 6.51 0.75
N PRO A 19 0.74 6.33 0.29
CA PRO A 19 1.50 7.38 -0.37
C PRO A 19 1.00 7.70 -1.78
N ALA A 20 -0.33 7.75 -1.94
CA ALA A 20 -0.92 8.05 -3.24
C ALA A 20 -0.37 9.34 -3.81
N GLN A 21 0.08 10.22 -2.92
CA GLN A 21 0.64 11.50 -3.33
C GLN A 21 2.13 11.35 -3.61
N LYS A 22 2.79 10.45 -2.88
CA LYS A 22 4.21 10.20 -3.05
C LYS A 22 4.52 9.70 -4.46
N ILE A 23 3.68 8.78 -4.93
CA ILE A 23 3.86 8.21 -6.26
C ILE A 23 2.60 8.41 -7.10
N SER A 7 -1.87 -16.11 4.97
CA SER A 7 -1.86 -15.89 3.54
C SER A 7 -2.41 -14.52 3.11
N PRO A 8 -3.02 -13.72 4.01
CA PRO A 8 -3.54 -12.40 3.65
C PRO A 8 -2.47 -11.34 3.78
N ILE A 9 -1.24 -11.76 3.57
CA ILE A 9 -0.10 -10.87 3.66
C ILE A 9 -0.08 -9.91 2.50
N ASP A 11 -2.33 -8.46 1.36
CA ASP A 11 -3.26 -7.38 1.65
C ASP A 11 -2.58 -6.24 2.41
N ILE A 12 -1.33 -6.46 2.82
CA ILE A 12 -0.58 -5.45 3.55
C ILE A 12 0.02 -4.40 2.61
N ASN A 13 -0.53 -4.31 1.40
CA ASN A 13 -0.05 -3.33 0.43
C ASN A 13 -0.55 -1.95 0.76
N TYR A 15 0.43 -0.14 2.64
CA TYR A 15 1.59 0.67 2.94
C TYR A 15 1.83 1.61 1.76
N THR A 16 1.39 1.15 0.59
CA THR A 16 1.49 1.89 -0.65
C THR A 16 0.31 2.86 -0.74
N SER A 17 -0.80 2.46 -0.15
CA SER A 17 -2.01 3.28 -0.16
C SER A 17 -1.82 4.57 0.62
N GLU A 18 -0.74 4.63 1.41
CA GLU A 18 -0.45 5.82 2.19
C GLU A 18 0.21 6.89 1.31
N PRO A 19 1.40 6.58 0.74
CA PRO A 19 2.11 7.52 -0.12
C PRO A 19 1.43 7.74 -1.47
N ALA A 20 0.12 7.95 -1.45
CA ALA A 20 -0.64 8.17 -2.68
C ALA A 20 -0.11 9.39 -3.43
N GLN A 21 0.59 10.25 -2.72
CA GLN A 21 1.16 11.46 -3.32
C GLN A 21 2.49 11.15 -4.00
N LYS A 22 3.10 10.02 -3.64
CA LYS A 22 4.38 9.61 -4.21
C LYS A 22 4.33 9.67 -5.74
N ILE A 23 3.21 9.23 -6.30
CA ILE A 23 3.03 9.24 -7.75
C ILE A 23 1.63 9.72 -8.13
N SER A 7 -1.52 -16.18 4.43
CA SER A 7 -0.71 -14.99 4.23
C SER A 7 -1.55 -13.75 4.01
N PRO A 8 -1.85 -13.01 5.09
CA PRO A 8 -2.60 -11.76 4.98
C PRO A 8 -1.76 -10.70 4.32
N ILE A 9 -0.64 -11.14 3.79
CA ILE A 9 0.28 -10.29 3.09
C ILE A 9 -0.37 -9.75 1.82
N ASP A 11 -3.33 -8.45 1.70
CA ASP A 11 -4.01 -7.21 2.08
C ASP A 11 -3.03 -6.09 2.41
N ILE A 12 -1.72 -6.36 2.26
CA ILE A 12 -0.71 -5.35 2.55
C ILE A 12 -0.43 -4.45 1.35
N ASN A 13 -1.28 -4.53 0.33
CA ASN A 13 -1.08 -3.73 -0.88
C ASN A 13 -1.45 -2.28 -0.67
N TYR A 15 -0.12 -0.50 1.09
CA TYR A 15 1.16 0.15 1.29
C TYR A 15 1.44 1.07 0.11
N THR A 16 0.85 0.70 -1.03
CA THR A 16 0.97 1.44 -2.26
C THR A 16 -0.14 2.50 -2.33
N SER A 17 -1.27 2.16 -1.73
CA SER A 17 -2.43 3.06 -1.74
C SER A 17 -2.24 4.24 -0.78
N GLU A 18 -1.20 4.19 0.04
CA GLU A 18 -0.95 5.27 0.98
C GLU A 18 -0.10 6.37 0.35
N PRO A 19 1.04 6.00 -0.26
CA PRO A 19 1.96 6.95 -0.90
C PRO A 19 1.46 7.48 -2.23
N ALA A 20 0.17 7.77 -2.32
CA ALA A 20 -0.41 8.30 -3.56
C ALA A 20 0.36 9.52 -4.05
N GLN A 21 0.80 10.31 -3.09
CA GLN A 21 1.57 11.52 -3.39
C GLN A 21 3.06 11.20 -3.49
N LYS A 22 3.52 10.28 -2.64
CA LYS A 22 4.91 9.88 -2.62
C LYS A 22 5.32 9.29 -3.97
N ILE A 23 4.49 8.38 -4.48
CA ILE A 23 4.75 7.73 -5.76
C ILE A 23 3.99 8.42 -6.89
N SER A 7 -0.05 -15.37 4.94
CA SER A 7 -1.00 -15.50 3.84
C SER A 7 -1.79 -14.22 3.59
N PRO A 8 -2.24 -13.53 4.63
CA PRO A 8 -3.01 -12.29 4.48
C PRO A 8 -2.12 -11.13 4.11
N ILE A 9 -1.05 -11.45 3.41
CA ILE A 9 -0.10 -10.44 2.99
C ILE A 9 -0.56 -9.78 1.70
N ASP A 11 -3.55 -8.33 1.25
CA ASP A 11 -4.23 -7.09 1.62
C ASP A 11 -3.31 -6.13 2.37
N ILE A 12 -2.03 -6.50 2.50
CA ILE A 12 -1.09 -5.63 3.22
C ILE A 12 -0.44 -4.61 2.28
N ASN A 13 -0.97 -4.48 1.07
CA ASN A 13 -0.45 -3.54 0.10
C ASN A 13 -0.92 -2.12 0.36
N TYR A 15 0.17 -0.24 2.15
CA TYR A 15 1.36 0.55 2.36
C TYR A 15 1.57 1.46 1.16
N THR A 16 1.05 0.97 0.03
CA THR A 16 1.11 1.69 -1.23
C THR A 16 -0.10 2.60 -1.35
N SER A 17 -1.21 2.18 -0.76
CA SER A 17 -2.44 2.95 -0.80
C SER A 17 -2.34 4.22 0.05
N GLU A 18 -1.27 4.35 0.82
CA GLU A 18 -1.07 5.52 1.65
C GLU A 18 -0.37 6.62 0.86
N PRO A 19 0.84 6.34 0.33
CA PRO A 19 1.61 7.31 -0.45
C PRO A 19 1.02 7.58 -1.84
N ALA A 20 -0.30 7.74 -1.91
CA ALA A 20 -0.96 8.01 -3.18
C ALA A 20 -0.41 9.25 -3.85
N GLN A 21 0.19 10.12 -3.04
CA GLN A 21 0.77 11.36 -3.54
C GLN A 21 2.22 11.13 -3.98
N LYS A 22 2.86 10.13 -3.40
CA LYS A 22 4.25 9.81 -3.74
C LYS A 22 4.42 9.61 -5.23
N ILE A 23 3.83 8.54 -5.76
CA ILE A 23 3.92 8.24 -7.18
C ILE A 23 2.68 8.74 -7.92
N SER A 7 -7.87 -8.68 2.62
CA SER A 7 -6.83 -9.67 2.39
C SER A 7 -5.82 -9.71 3.53
N PRO A 8 -5.04 -10.81 3.61
CA PRO A 8 -4.02 -11.01 4.60
C PRO A 8 -2.69 -10.46 4.10
N ILE A 9 -1.66 -11.27 4.11
CA ILE A 9 -0.35 -10.87 3.63
C ILE A 9 -0.42 -10.31 2.21
N ASP A 11 -2.93 -8.07 1.33
CA ASP A 11 -3.34 -6.70 1.53
C ASP A 11 -2.29 -5.95 2.36
N ILE A 12 -1.23 -6.65 2.76
CA ILE A 12 -0.18 -6.01 3.54
C ILE A 12 0.68 -5.09 2.67
N ASN A 13 0.40 -5.05 1.37
CA ASN A 13 1.13 -4.20 0.46
C ASN A 13 0.70 -2.76 0.58
N TYR A 15 2.06 -0.57 1.79
CA TYR A 15 3.22 0.29 1.65
C TYR A 15 2.97 1.15 0.42
N THR A 16 2.30 0.54 -0.55
CA THR A 16 1.92 1.17 -1.79
C THR A 16 0.57 1.86 -1.63
N SER A 17 -0.29 1.24 -0.82
CA SER A 17 -1.63 1.78 -0.57
C SER A 17 -1.59 3.01 0.33
N GLU A 18 -0.42 3.30 0.88
CA GLU A 18 -0.27 4.46 1.76
C GLU A 18 -0.03 5.72 0.92
N PRO A 19 1.02 5.73 0.08
CA PRO A 19 1.36 6.86 -0.78
C PRO A 19 0.33 7.10 -1.90
N ALA A 20 -0.95 6.99 -1.57
CA ALA A 20 -2.00 7.20 -2.56
C ALA A 20 -1.88 8.56 -3.21
N GLN A 21 -1.28 9.49 -2.49
CA GLN A 21 -1.07 10.84 -2.97
C GLN A 21 0.23 10.94 -3.76
N LYS A 22 1.21 10.12 -3.36
CA LYS A 22 2.51 10.10 -4.02
C LYS A 22 2.38 9.66 -5.47
N ILE A 23 1.68 8.55 -5.69
CA ILE A 23 1.48 8.02 -7.03
C ILE A 23 0.02 8.14 -7.45
N SER A 7 1.22 -14.75 4.77
CA SER A 7 0.32 -14.69 3.64
C SER A 7 -0.66 -13.51 3.69
N PRO A 8 -0.79 -12.76 4.80
CA PRO A 8 -1.68 -11.61 4.85
C PRO A 8 -1.12 -10.42 4.12
N ILE A 9 -0.27 -10.70 3.14
CA ILE A 9 0.35 -9.66 2.36
C ILE A 9 -0.62 -9.09 1.35
N ASP A 11 -3.38 -7.70 1.97
CA ASP A 11 -3.81 -6.42 2.50
C ASP A 11 -2.62 -5.49 2.74
N ILE A 12 -1.43 -5.90 2.28
CA ILE A 12 -0.23 -5.08 2.45
C ILE A 12 -0.08 -4.06 1.33
N ASN A 13 -0.79 -4.29 0.24
CA ASN A 13 -0.74 -3.40 -0.90
C ASN A 13 -1.34 -2.05 -0.60
N TYR A 15 -0.27 -0.07 1.12
CA TYR A 15 0.86 0.84 1.20
C TYR A 15 0.82 1.78 0.00
N THR A 16 0.22 1.28 -1.07
CA THR A 16 0.06 2.02 -2.30
C THR A 16 -1.23 2.83 -2.24
N SER A 17 -2.23 2.26 -1.57
CA SER A 17 -3.53 2.91 -1.43
C SER A 17 -3.39 4.34 -0.91
N GLU A 18 -3.44 4.49 0.41
CA GLU A 18 -3.33 5.80 1.03
C GLU A 18 -2.05 6.51 0.59
N PRO A 19 -0.87 5.89 0.79
CA PRO A 19 0.41 6.48 0.42
C PRO A 19 0.67 6.47 -1.09
N ALA A 20 -0.38 6.69 -1.88
CA ALA A 20 -0.24 6.70 -3.34
C ALA A 20 0.72 7.80 -3.79
N GLN A 21 0.93 8.77 -2.92
CA GLN A 21 1.82 9.88 -3.22
C GLN A 21 3.26 9.55 -2.84
N LYS A 22 3.47 8.39 -2.21
CA LYS A 22 4.80 7.96 -1.80
C LYS A 22 5.81 8.14 -2.94
N ILE A 23 5.32 8.00 -4.17
CA ILE A 23 6.16 8.15 -5.35
C ILE A 23 5.56 9.19 -6.29
#